data_6RG6
#
_entry.id   6RG6
#
_cell.length_a   62.910
_cell.length_b   75.235
_cell.length_c   118.600
_cell.angle_alpha   90.000
_cell.angle_beta   90.000
_cell.angle_gamma   90.000
#
_symmetry.space_group_name_H-M   'I 2 2 2'
#
loop_
_entity.id
_entity.type
_entity.pdbx_description
1 polymer 'NAD kinase 1'
2 non-polymer 'CITRIC ACID'
3 non-polymer (2~{R},3~{R},4~{S},5~{R})-2-(6-aminopurin-9-yl)-5-[3-(6-azanyl-9~{H}-purin-8-yl)prop-2-ynoxymethyl]oxolane-3,4-diol
4 water water
#
_entity_poly.entity_id   1
_entity_poly.type   'polypeptide(L)'
_entity_poly.pdbx_seq_one_letter_code
;MKYMITSKGDEKSDLLRLNMIAGFGEYDMEYDDVEPEIVISIGGDGTFLSAFHQYEERLDEIAFIGIHTGHLGFYADWRP
AEADKLVKLLAKGEYQKVSYPLLKTTVKYGIGKKEATYLALNESTVKSSGGPFVVDVVINDIHFERFRGDGLCMSTPSGT
TAYNKSLGGALMHPSIEAMQLTEMASINNRVYRTIGSPLVFPKHHVVSLQPVNDKDFQISVDHLSILHRDVQEIRYEVSA
KKIHFARFRSFPFWRRVHDSFIEDLEHHHHHH
;
_entity_poly.pdbx_strand_id   A
#
loop_
_chem_comp.id
_chem_comp.type
_chem_comp.name
_chem_comp.formula
CIT non-polymer 'CITRIC ACID' 'C6 H8 O7'
K3B non-polymer (2~{R},3~{R},4~{S},5~{R})-2-(6-aminopurin-9-yl)-5-[3-(6-azanyl-9~{H}-purin-8-yl)prop-2-ynoxymethyl]oxolane-3,4-diol 'C18 H18 N10 O4'
#
# COMPACT_ATOMS: atom_id res chain seq x y z
N MET A 1 -0.12 0.84 27.76
CA MET A 1 -0.63 0.75 26.39
C MET A 1 -0.04 -0.47 25.68
N LYS A 2 -0.92 -1.27 25.06
CA LYS A 2 -0.47 -2.46 24.37
C LYS A 2 0.29 -2.11 23.10
N TYR A 3 1.23 -2.97 22.73
CA TYR A 3 2.07 -2.73 21.57
C TYR A 3 2.67 -4.05 21.11
N MET A 4 3.29 -4.03 19.93
CA MET A 4 4.04 -5.16 19.41
C MET A 4 5.04 -4.63 18.41
N ILE A 5 6.05 -5.45 18.11
CA ILE A 5 7.13 -5.07 17.21
C ILE A 5 7.37 -6.20 16.22
N THR A 6 7.41 -5.87 14.93
CA THR A 6 7.78 -6.80 13.88
C THR A 6 9.21 -6.52 13.44
N SER A 7 9.91 -7.58 13.06
CA SER A 7 11.31 -7.50 12.67
C SER A 7 11.49 -8.04 11.25
N LYS A 8 12.46 -7.46 10.53
CA LYS A 8 12.78 -7.93 9.19
C LYS A 8 13.32 -9.36 9.21
N GLY A 9 13.94 -9.77 10.32
CA GLY A 9 14.46 -11.11 10.47
C GLY A 9 15.96 -11.22 10.44
N ASP A 10 16.67 -10.14 10.10
CA ASP A 10 18.12 -10.16 10.04
C ASP A 10 18.69 -9.95 11.44
N GLU A 11 20.02 -9.81 11.53
CA GLU A 11 20.67 -9.69 12.83
C GLU A 11 20.50 -8.28 13.40
N LYS A 12 20.52 -7.26 12.55
CA LYS A 12 20.42 -5.88 13.04
C LYS A 12 19.00 -5.57 13.51
N SER A 13 17.99 -6.09 12.81
CA SER A 13 16.61 -5.77 13.15
C SER A 13 16.19 -6.46 14.44
N ASP A 14 16.63 -7.71 14.65
CA ASP A 14 16.22 -8.44 15.84
C ASP A 14 16.83 -7.84 17.10
N LEU A 15 18.09 -7.39 17.02
CA LEU A 15 18.74 -6.81 18.19
C LEU A 15 18.10 -5.48 18.57
N LEU A 16 17.75 -4.65 17.58
CA LEU A 16 17.08 -3.39 17.87
C LEU A 16 15.70 -3.62 18.44
N ARG A 17 15.03 -4.70 18.04
CA ARG A 17 13.71 -5.00 18.58
C ARG A 17 13.78 -5.37 20.05
N LEU A 18 14.75 -6.20 20.43
CA LEU A 18 14.87 -6.63 21.83
C LEU A 18 15.28 -5.48 22.74
N ASN A 19 16.02 -4.50 22.22
CA ASN A 19 16.41 -3.36 23.03
C ASN A 19 15.22 -2.43 23.28
N MET A 20 14.35 -2.26 22.29
CA MET A 20 13.16 -1.45 22.50
C MET A 20 12.21 -2.11 23.49
N ILE A 21 12.06 -3.44 23.40
CA ILE A 21 11.23 -4.17 24.35
C ILE A 21 11.80 -4.00 25.76
N ALA A 22 13.12 -4.13 25.90
CA ALA A 22 13.75 -3.91 27.20
C ALA A 22 13.52 -2.49 27.68
N GLY A 23 13.57 -1.52 26.77
CA GLY A 23 13.25 -0.15 27.15
C GLY A 23 11.79 0.03 27.52
N PHE A 24 10.89 -0.63 26.80
CA PHE A 24 9.47 -0.57 27.14
C PHE A 24 9.19 -1.24 28.49
N GLY A 25 10.02 -2.19 28.90
CA GLY A 25 9.88 -2.78 30.21
C GLY A 25 10.09 -1.82 31.36
N GLU A 26 10.74 -0.68 31.09
CA GLU A 26 10.94 0.36 32.08
C GLU A 26 9.76 1.33 32.17
N TYR A 27 8.68 1.06 31.44
CA TYR A 27 7.48 1.91 31.43
C TYR A 27 6.26 1.03 31.66
N ASP A 28 5.08 1.66 31.61
CA ASP A 28 3.81 0.96 31.73
C ASP A 28 3.30 0.52 30.36
N MET A 29 4.12 -0.31 29.70
CA MET A 29 3.84 -0.78 28.35
C MET A 29 3.81 -2.31 28.36
N GLU A 30 2.72 -2.87 27.84
CA GLU A 30 2.53 -4.31 27.77
C GLU A 30 2.66 -4.78 26.33
N TYR A 31 3.52 -5.77 26.11
CA TYR A 31 3.67 -6.37 24.78
C TYR A 31 2.53 -7.34 24.53
N ASP A 32 1.73 -7.05 23.50
CA ASP A 32 0.62 -7.92 23.10
C ASP A 32 0.47 -7.82 21.60
N ASP A 33 0.70 -8.92 20.89
CA ASP A 33 0.59 -8.95 19.44
C ASP A 33 -0.78 -9.43 18.95
N VAL A 34 -1.72 -9.65 19.86
CA VAL A 34 -3.08 -10.00 19.48
C VAL A 34 -3.91 -8.74 19.24
N GLU A 35 -3.93 -7.84 20.21
CA GLU A 35 -4.67 -6.57 20.09
C GLU A 35 -3.80 -5.42 20.59
N PRO A 36 -2.74 -5.08 19.85
CA PRO A 36 -1.92 -3.92 20.21
C PRO A 36 -2.57 -2.62 19.77
N GLU A 37 -2.13 -1.53 20.41
CA GLU A 37 -2.54 -0.20 20.01
C GLU A 37 -1.45 0.56 19.27
N ILE A 38 -0.19 0.10 19.36
CA ILE A 38 0.92 0.68 18.63
C ILE A 38 1.70 -0.47 18.00
N VAL A 39 1.82 -0.45 16.67
CA VAL A 39 2.56 -1.47 15.94
C VAL A 39 3.82 -0.83 15.39
N ILE A 40 4.98 -1.35 15.80
CA ILE A 40 6.29 -0.86 15.37
C ILE A 40 6.87 -1.86 14.40
N SER A 41 7.26 -1.38 13.21
CA SER A 41 7.89 -2.21 12.19
C SER A 41 9.35 -1.78 12.05
N ILE A 42 10.25 -2.76 12.11
CA ILE A 42 11.69 -2.51 12.02
C ILE A 42 12.22 -3.30 10.84
N GLY A 43 12.66 -2.60 9.79
CA GLY A 43 13.18 -3.24 8.61
C GLY A 43 13.11 -2.35 7.38
N GLY A 44 12.23 -2.68 6.45
CA GLY A 44 12.02 -1.87 5.27
C GLY A 44 10.56 -1.57 5.03
N ASP A 45 10.23 -1.03 3.86
CA ASP A 45 8.83 -0.82 3.52
C ASP A 45 8.09 -2.13 3.38
N GLY A 46 8.77 -3.18 2.91
CA GLY A 46 8.14 -4.49 2.86
C GLY A 46 7.85 -5.06 4.23
N THR A 47 8.75 -4.81 5.19
CA THR A 47 8.49 -5.20 6.56
C THR A 47 7.29 -4.44 7.12
N PHE A 48 7.18 -3.16 6.76
CA PHE A 48 6.00 -2.39 7.19
C PHE A 48 4.75 -2.86 6.46
N LEU A 49 4.86 -3.18 5.17
CA LEU A 49 3.73 -3.71 4.42
C LEU A 49 3.23 -5.02 5.03
N SER A 50 4.17 -5.90 5.44
CA SER A 50 3.77 -7.13 6.09
C SER A 50 3.09 -6.87 7.42
N ALA A 51 3.57 -5.87 8.18
CA ALA A 51 2.94 -5.53 9.45
C ALA A 51 1.57 -4.89 9.24
N PHE A 52 1.36 -4.23 8.10
CA PHE A 52 0.06 -3.62 7.81
C PHE A 52 -1.00 -4.69 7.60
N HIS A 53 -0.75 -5.62 6.68
CA HIS A 53 -1.71 -6.69 6.41
C HIS A 53 -1.82 -7.67 7.56
N GLN A 54 -0.83 -7.70 8.45
CA GLN A 54 -0.93 -8.51 9.66
C GLN A 54 -1.99 -7.97 10.61
N TYR A 55 -2.30 -6.68 10.53
CA TYR A 55 -3.28 -6.04 11.41
C TYR A 55 -4.23 -5.16 10.60
N GLU A 56 -4.57 -5.59 9.39
CA GLU A 56 -5.50 -4.83 8.57
C GLU A 56 -6.95 -4.94 9.05
N GLU A 57 -7.26 -5.89 9.93
CA GLU A 57 -8.59 -6.04 10.49
C GLU A 57 -8.81 -5.23 11.75
N ARG A 58 -7.82 -4.46 12.20
CA ARG A 58 -7.93 -3.63 13.39
C ARG A 58 -7.25 -2.28 13.15
N LEU A 59 -7.65 -1.60 12.08
CA LEU A 59 -6.91 -0.43 11.61
C LEU A 59 -7.22 0.85 12.37
N ASP A 60 -8.37 0.94 13.04
CA ASP A 60 -8.78 2.17 13.70
C ASP A 60 -8.37 2.21 15.17
N GLU A 61 -7.75 1.15 15.68
CA GLU A 61 -7.25 1.12 17.04
C GLU A 61 -5.73 1.15 17.10
N ILE A 62 -5.05 1.23 15.96
CA ILE A 62 -3.62 1.04 15.86
C ILE A 62 -3.00 2.25 15.17
N ALA A 63 -1.89 2.74 15.72
CA ALA A 63 -1.05 3.74 15.08
C ALA A 63 0.28 3.08 14.73
N PHE A 64 0.61 3.05 13.45
CA PHE A 64 1.81 2.37 12.97
C PHE A 64 3.03 3.28 13.05
N ILE A 65 4.19 2.67 13.25
CA ILE A 65 5.46 3.36 13.30
C ILE A 65 6.49 2.56 12.51
N GLY A 66 7.25 3.25 11.65
CA GLY A 66 8.25 2.59 10.84
C GLY A 66 9.69 2.97 11.17
N ILE A 67 10.57 1.98 11.28
CA ILE A 67 11.99 2.19 11.51
C ILE A 67 12.75 1.43 10.43
N HIS A 68 13.55 2.14 9.64
CA HIS A 68 14.30 1.53 8.55
C HIS A 68 15.63 0.98 9.07
N THR A 69 15.83 -0.32 8.90
CA THR A 69 17.09 -0.96 9.26
C THR A 69 18.17 -0.65 8.23
N GLY A 70 17.80 -0.46 6.96
CA GLY A 70 18.74 -0.10 5.92
C GLY A 70 18.54 1.31 5.41
N HIS A 71 18.29 1.46 4.11
CA HIS A 71 18.05 2.78 3.56
C HIS A 71 16.68 3.30 4.00
N LEU A 72 16.51 4.62 3.87
CA LEU A 72 15.25 5.26 4.24
C LEU A 72 14.12 4.79 3.34
N GLY A 73 13.03 4.34 3.95
CA GLY A 73 11.80 4.02 3.25
C GLY A 73 10.77 5.13 3.41
N PHE A 74 9.64 4.94 2.75
CA PHE A 74 8.56 5.91 2.83
C PHE A 74 7.66 5.68 4.02
N TYR A 75 7.49 4.43 4.44
CA TYR A 75 6.76 4.13 5.66
C TYR A 75 7.67 4.03 6.88
N ALA A 76 8.95 3.75 6.67
CA ALA A 76 9.93 3.78 7.75
C ALA A 76 10.47 5.20 7.88
N ASP A 77 10.28 5.82 9.05
CA ASP A 77 10.58 7.23 9.23
C ASP A 77 11.54 7.49 10.39
N TRP A 78 12.30 6.49 10.82
CA TRP A 78 13.19 6.66 11.96
C TRP A 78 14.46 5.84 11.75
N ARG A 79 15.60 6.50 11.88
CA ARG A 79 16.87 5.80 11.85
C ARG A 79 17.04 4.96 13.11
N PRO A 80 17.79 3.85 13.04
CA PRO A 80 17.97 3.02 14.24
C PRO A 80 18.62 3.76 15.41
N ALA A 81 19.41 4.80 15.13
CA ALA A 81 20.05 5.57 16.18
C ALA A 81 19.07 6.43 16.96
N GLU A 82 17.84 6.59 16.47
CA GLU A 82 16.82 7.38 17.15
C GLU A 82 15.72 6.49 17.73
N ALA A 83 16.09 5.30 18.21
CA ALA A 83 15.12 4.34 18.70
C ALA A 83 14.80 4.54 20.19
N ASP A 84 15.83 4.73 21.02
CA ASP A 84 15.60 4.99 22.43
C ASP A 84 14.74 6.23 22.63
N LYS A 85 14.90 7.23 21.77
CA LYS A 85 14.08 8.44 21.83
C LYS A 85 12.62 8.15 21.48
N LEU A 86 12.35 7.03 20.80
CA LEU A 86 10.98 6.70 20.40
C LEU A 86 10.19 6.11 21.56
N VAL A 87 10.73 5.08 22.21
CA VAL A 87 9.99 4.39 23.28
C VAL A 87 9.68 5.35 24.41
N LYS A 88 10.50 6.37 24.60
CA LYS A 88 10.25 7.38 25.64
C LYS A 88 8.99 8.18 25.31
N LEU A 89 8.96 8.76 24.11
CA LEU A 89 7.79 9.52 23.66
C LEU A 89 6.57 8.61 23.50
N LEU A 90 6.80 7.35 23.11
CA LEU A 90 5.69 6.41 22.91
C LEU A 90 4.98 6.08 24.21
N ALA A 91 5.49 6.57 25.34
CA ALA A 91 4.87 6.36 26.65
C ALA A 91 4.39 7.69 27.22
N TYR A 95 1.35 12.39 21.47
CA TYR A 95 1.68 12.41 20.04
C TYR A 95 0.43 12.63 19.20
N GLN A 96 0.63 12.85 17.90
CA GLN A 96 -0.46 13.08 16.96
C GLN A 96 -0.57 11.90 16.00
N LYS A 97 -1.77 11.72 15.46
CA LYS A 97 -2.08 10.63 14.54
C LYS A 97 -2.52 11.22 13.21
N VAL A 98 -1.81 10.86 12.14
CA VAL A 98 -2.18 11.23 10.78
C VAL A 98 -2.68 9.97 10.06
N SER A 99 -3.53 10.17 9.07
CA SER A 99 -4.19 9.07 8.37
C SER A 99 -3.95 9.19 6.88
N TYR A 100 -3.59 8.07 6.23
CA TYR A 100 -3.41 7.98 4.80
C TYR A 100 -4.52 7.16 4.17
N PRO A 101 -4.94 7.50 2.95
CA PRO A 101 -6.02 6.75 2.30
C PRO A 101 -5.60 5.33 1.95
N LEU A 102 -6.61 4.49 1.71
CA LEU A 102 -6.40 3.10 1.36
C LEU A 102 -7.28 2.73 0.17
N LEU A 103 -6.86 1.70 -0.57
CA LEU A 103 -7.55 1.25 -1.76
C LEU A 103 -8.29 -0.05 -1.46
N LYS A 104 -9.54 -0.12 -1.88
CA LYS A 104 -10.36 -1.32 -1.75
C LYS A 104 -10.45 -2.03 -3.09
N THR A 105 -10.25 -3.34 -3.07
CA THR A 105 -10.28 -4.16 -4.28
C THR A 105 -11.29 -5.28 -4.07
N THR A 106 -12.31 -5.32 -4.91
CA THR A 106 -13.35 -6.35 -4.86
C THR A 106 -13.24 -7.24 -6.09
N VAL A 107 -13.19 -8.55 -5.88
CA VAL A 107 -13.10 -9.53 -6.96
C VAL A 107 -14.34 -10.40 -6.88
N LYS A 108 -15.11 -10.44 -7.97
CA LYS A 108 -16.32 -11.25 -8.06
C LYS A 108 -16.09 -12.36 -9.08
N TYR A 109 -16.50 -13.57 -8.73
CA TYR A 109 -16.35 -14.75 -9.58
C TYR A 109 -17.71 -15.16 -10.15
N GLY A 110 -17.77 -16.36 -10.71
CA GLY A 110 -19.00 -16.89 -11.25
C GLY A 110 -19.88 -17.54 -10.19
N LYS A 114 -18.83 -16.46 -4.76
CA LYS A 114 -18.78 -15.44 -3.72
C LYS A 114 -18.11 -14.16 -4.24
N GLU A 115 -17.56 -13.39 -3.31
CA GLU A 115 -16.75 -12.22 -3.67
C GLU A 115 -15.70 -12.02 -2.59
N ALA A 116 -14.54 -11.49 -3.01
CA ALA A 116 -13.40 -11.29 -2.13
C ALA A 116 -13.00 -9.83 -2.16
N THR A 117 -12.91 -9.23 -0.97
CA THR A 117 -12.44 -7.87 -0.83
C THR A 117 -11.00 -7.86 -0.32
N TYR A 118 -10.25 -6.84 -0.72
CA TYR A 118 -8.86 -6.69 -0.31
C TYR A 118 -8.61 -5.23 0.04
N LEU A 119 -7.55 -5.02 0.82
CA LEU A 119 -7.16 -3.68 1.25
C LEU A 119 -5.67 -3.52 0.97
N ALA A 120 -5.32 -2.49 0.22
CA ALA A 120 -3.95 -2.27 -0.23
C ALA A 120 -3.43 -0.94 0.31
N LEU A 121 -2.19 -0.95 0.78
CA LEU A 121 -1.52 0.27 1.21
C LEU A 121 -0.72 0.92 0.09
N ASN A 122 -0.14 0.12 -0.80
CA ASN A 122 0.59 0.66 -1.94
C ASN A 122 -0.27 0.68 -3.18
N GLU A 123 -0.55 -0.48 -3.76
CA GLU A 123 -1.30 -0.55 -5.01
C GLU A 123 -1.86 -1.95 -5.20
N SER A 124 -2.72 -2.08 -6.21
CA SER A 124 -3.26 -3.36 -6.65
C SER A 124 -3.08 -3.47 -8.15
N THR A 125 -2.63 -4.63 -8.60
CA THR A 125 -2.23 -4.84 -9.98
C THR A 125 -2.93 -6.07 -10.55
N VAL A 126 -3.33 -5.99 -11.82
CA VAL A 126 -3.96 -7.10 -12.53
C VAL A 126 -3.11 -7.42 -13.75
N LYS A 127 -2.78 -8.69 -13.92
CA LYS A 127 -2.02 -9.17 -15.07
C LYS A 127 -2.67 -10.45 -15.60
N SER A 128 -2.20 -10.90 -16.76
CA SER A 128 -2.77 -12.06 -17.42
C SER A 128 -2.13 -13.35 -16.90
N SER A 129 -2.97 -14.38 -16.72
CA SER A 129 -2.51 -15.70 -16.34
C SER A 129 -1.98 -16.42 -17.58
N GLY A 130 -0.86 -15.90 -18.08
CA GLY A 130 -0.28 -16.40 -19.31
C GLY A 130 -1.04 -15.90 -20.53
N GLY A 131 -0.33 -15.70 -21.63
CA GLY A 131 -0.94 -15.23 -22.86
C GLY A 131 -1.24 -13.75 -22.84
N PRO A 132 -2.29 -13.33 -23.54
CA PRO A 132 -2.61 -11.91 -23.65
C PRO A 132 -3.52 -11.44 -22.52
N PHE A 133 -3.47 -10.12 -22.29
CA PHE A 133 -4.26 -9.45 -21.26
C PHE A 133 -5.17 -8.43 -21.94
N VAL A 134 -6.47 -8.65 -21.86
CA VAL A 134 -7.47 -7.74 -22.42
C VAL A 134 -8.58 -7.56 -21.40
N VAL A 135 -8.91 -6.31 -21.08
CA VAL A 135 -10.00 -6.00 -20.17
C VAL A 135 -10.74 -4.77 -20.67
N ASP A 136 -12.02 -4.69 -20.33
CA ASP A 136 -12.82 -3.51 -20.60
C ASP A 136 -12.84 -2.64 -19.35
N VAL A 137 -12.25 -1.45 -19.44
CA VAL A 137 -12.20 -0.54 -18.30
C VAL A 137 -13.52 0.21 -18.22
N VAL A 138 -14.19 0.13 -17.07
CA VAL A 138 -15.49 0.73 -16.86
C VAL A 138 -15.40 1.69 -15.69
N ILE A 139 -15.63 2.97 -15.96
CA ILE A 139 -15.55 4.02 -14.95
C ILE A 139 -16.98 4.49 -14.66
N ASN A 140 -17.47 4.18 -13.46
CA ASN A 140 -18.81 4.56 -13.03
C ASN A 140 -19.88 4.07 -14.02
N ASP A 141 -19.84 2.76 -14.30
CA ASP A 141 -20.77 2.05 -15.18
C ASP A 141 -20.68 2.48 -16.65
N ILE A 142 -19.86 3.48 -16.96
CA ILE A 142 -19.65 3.90 -18.34
C ILE A 142 -18.41 3.21 -18.88
N HIS A 143 -18.52 2.63 -20.07
CA HIS A 143 -17.37 2.00 -20.70
C HIS A 143 -16.38 3.07 -21.15
N PHE A 144 -15.16 3.03 -20.61
CA PHE A 144 -14.15 4.02 -20.90
C PHE A 144 -13.17 3.59 -21.98
N GLU A 145 -12.74 2.34 -21.97
CA GLU A 145 -11.77 1.84 -22.95
C GLU A 145 -11.69 0.32 -22.82
N ARG A 146 -11.07 -0.28 -23.83
CA ARG A 146 -10.70 -1.70 -23.79
C ARG A 146 -9.18 -1.77 -23.82
N PHE A 147 -8.59 -2.21 -22.70
CA PHE A 147 -7.14 -2.19 -22.54
C PHE A 147 -6.53 -3.47 -23.06
N ARG A 148 -5.42 -3.32 -23.79
CA ARG A 148 -4.61 -4.44 -24.24
C ARG A 148 -3.15 -4.14 -23.92
N GLY A 149 -2.49 -5.10 -23.27
CA GLY A 149 -1.10 -4.93 -22.91
C GLY A 149 -0.64 -5.93 -21.87
N ASP A 150 0.11 -5.47 -20.88
CA ASP A 150 0.59 -6.34 -19.81
C ASP A 150 -0.26 -6.27 -18.55
N GLY A 151 -0.83 -5.12 -18.22
CA GLY A 151 -1.69 -5.03 -17.06
C GLY A 151 -1.95 -3.59 -16.67
N LEU A 152 -2.66 -3.44 -15.55
CA LEU A 152 -3.00 -2.14 -15.00
C LEU A 152 -2.61 -2.10 -13.53
N CYS A 153 -2.58 -0.89 -12.97
CA CYS A 153 -2.09 -0.69 -11.61
C CYS A 153 -2.87 0.46 -10.98
N MET A 154 -3.70 0.13 -9.99
CA MET A 154 -4.42 1.13 -9.21
C MET A 154 -3.66 1.34 -7.91
N SER A 155 -3.23 2.58 -7.67
CA SER A 155 -2.31 2.89 -6.59
C SER A 155 -2.93 3.85 -5.58
N THR A 156 -2.52 3.70 -4.34
CA THR A 156 -2.87 4.63 -3.27
C THR A 156 -2.00 5.87 -3.37
N PRO A 157 -2.40 6.97 -2.70
CA PRO A 157 -1.54 8.18 -2.73
C PRO A 157 -0.14 7.93 -2.21
N SER A 158 0.00 7.24 -1.07
CA SER A 158 1.33 6.94 -0.55
C SER A 158 2.04 5.91 -1.41
N GLY A 159 1.29 5.07 -2.13
CA GLY A 159 1.88 4.11 -3.04
C GLY A 159 2.27 4.65 -4.39
N THR A 160 2.03 5.94 -4.65
CA THR A 160 2.41 6.52 -5.93
C THR A 160 3.92 6.57 -6.12
N THR A 161 4.69 6.57 -5.03
CA THR A 161 6.14 6.58 -5.10
C THR A 161 6.72 5.18 -5.33
N ALA A 162 5.89 4.15 -5.34
CA ALA A 162 6.37 2.78 -5.52
C ALA A 162 6.20 2.32 -6.96
N TYR A 163 5.34 1.31 -7.16
CA TYR A 163 5.12 0.77 -8.49
C TYR A 163 4.54 1.82 -9.42
N ASN A 164 3.66 2.69 -8.90
CA ASN A 164 3.04 3.72 -9.72
C ASN A 164 4.07 4.65 -10.34
N LYS A 165 5.14 4.95 -9.60
CA LYS A 165 6.16 5.86 -10.10
C LYS A 165 6.91 5.27 -11.29
N SER A 166 7.24 3.97 -11.23
CA SER A 166 7.99 3.33 -12.30
C SER A 166 7.18 3.20 -13.58
N LEU A 167 5.85 3.33 -13.50
CA LEU A 167 4.98 3.21 -14.66
C LEU A 167 4.64 4.57 -15.28
N GLY A 168 5.42 5.61 -14.97
CA GLY A 168 5.14 6.94 -15.45
C GLY A 168 4.09 7.69 -14.67
N GLY A 169 3.56 7.11 -13.60
CA GLY A 169 2.54 7.77 -12.82
C GLY A 169 3.05 9.00 -12.09
N ALA A 170 2.11 9.76 -11.54
CA ALA A 170 2.41 11.00 -10.85
C ALA A 170 2.53 10.75 -9.36
N LEU A 171 3.43 11.50 -8.71
CA LEU A 171 3.59 11.42 -7.26
C LEU A 171 2.48 12.26 -6.61
N MET A 172 1.67 11.62 -5.79
CA MET A 172 0.48 12.23 -5.22
C MET A 172 0.64 12.36 -3.71
N HIS A 173 0.29 13.53 -3.19
CA HIS A 173 0.41 13.77 -1.76
C HIS A 173 -0.61 12.93 -1.00
N PRO A 174 -0.21 12.29 0.11
CA PRO A 174 -1.11 11.38 0.82
C PRO A 174 -2.23 12.06 1.58
N SER A 175 -2.33 13.40 1.54
CA SER A 175 -3.49 14.06 2.13
C SER A 175 -4.68 14.12 1.19
N ILE A 176 -4.49 13.75 -0.07
CA ILE A 176 -5.57 13.73 -1.05
C ILE A 176 -6.16 12.34 -1.11
N GLU A 177 -7.46 12.22 -0.84
CA GLU A 177 -8.15 10.94 -0.87
C GLU A 177 -8.47 10.59 -2.32
N ALA A 178 -7.59 9.81 -2.95
CA ALA A 178 -7.75 9.49 -4.37
C ALA A 178 -7.04 8.17 -4.66
N MET A 179 -7.15 7.72 -5.90
CA MET A 179 -6.47 6.53 -6.39
C MET A 179 -6.05 6.78 -7.83
N GLN A 180 -4.88 6.26 -8.19
CA GLN A 180 -4.30 6.53 -9.51
C GLN A 180 -4.13 5.22 -10.27
N LEU A 181 -4.52 5.24 -11.54
CA LEU A 181 -4.45 4.08 -12.42
C LEU A 181 -3.40 4.32 -13.50
N THR A 182 -2.55 3.32 -13.74
CA THR A 182 -1.50 3.41 -14.73
C THR A 182 -1.51 2.17 -15.61
N GLU A 183 -0.96 2.32 -16.81
CA GLU A 183 -0.92 1.26 -17.81
C GLU A 183 0.45 0.60 -17.84
N MET A 184 0.47 -0.64 -18.33
CA MET A 184 1.70 -1.43 -18.45
C MET A 184 1.85 -1.87 -19.89
N ALA A 185 2.59 -1.09 -20.68
CA ALA A 185 2.88 -1.39 -22.08
C ALA A 185 1.59 -1.63 -22.87
N SER A 186 0.79 -0.58 -22.96
CA SER A 186 -0.48 -0.67 -23.66
C SER A 186 -0.26 -0.76 -25.16
N ILE A 187 -1.01 -1.68 -25.79
CA ILE A 187 -0.96 -1.82 -27.25
C ILE A 187 -1.82 -0.72 -27.85
N ASN A 188 -1.18 0.19 -28.58
CA ASN A 188 -1.88 1.32 -29.21
C ASN A 188 -1.51 1.36 -30.68
N ASN A 189 -2.50 1.12 -31.54
CA ASN A 189 -2.35 1.25 -32.99
C ASN A 189 -3.56 1.99 -33.56
N ARG A 190 -3.89 1.72 -34.82
CA ARG A 190 -5.07 2.33 -35.41
C ARG A 190 -6.37 1.68 -34.91
N VAL A 191 -6.31 0.41 -34.54
CA VAL A 191 -7.51 -0.29 -34.10
C VAL A 191 -7.68 -0.29 -32.59
N TYR A 192 -6.58 -0.32 -31.84
CA TYR A 192 -6.63 -0.37 -30.38
C TYR A 192 -6.17 0.96 -29.82
N ARG A 193 -6.95 1.51 -28.89
CA ARG A 193 -6.77 2.88 -28.42
C ARG A 193 -6.99 2.92 -26.92
N THR A 194 -5.95 3.32 -26.18
CA THR A 194 -6.05 3.57 -24.75
C THR A 194 -5.85 5.05 -24.49
N ILE A 195 -6.19 5.47 -23.28
CA ILE A 195 -5.99 6.86 -22.90
C ILE A 195 -4.50 7.17 -22.73
N GLY A 196 -3.70 6.17 -22.41
CA GLY A 196 -2.27 6.40 -22.20
C GLY A 196 -1.88 7.17 -20.94
N SER A 197 -2.50 8.31 -20.69
CA SER A 197 -2.18 9.10 -19.53
C SER A 197 -2.68 8.41 -18.26
N PRO A 198 -1.98 8.59 -17.13
CA PRO A 198 -2.51 8.05 -15.87
C PRO A 198 -3.78 8.76 -15.45
N LEU A 199 -4.67 8.01 -14.80
CA LEU A 199 -5.96 8.53 -14.37
C LEU A 199 -6.02 8.59 -12.86
N VAL A 200 -6.48 9.73 -12.33
CA VAL A 200 -6.60 9.97 -10.90
C VAL A 200 -8.08 10.08 -10.56
N PHE A 201 -8.55 9.16 -9.72
CA PHE A 201 -9.97 9.06 -9.41
C PHE A 201 -10.24 9.56 -8.00
N PRO A 202 -11.27 10.39 -7.80
CA PRO A 202 -11.59 10.85 -6.45
C PRO A 202 -12.33 9.80 -5.63
N LYS A 203 -12.85 10.20 -4.49
CA LYS A 203 -13.64 9.29 -3.67
C LYS A 203 -14.96 8.97 -4.36
N HIS A 204 -15.53 7.82 -3.97
CA HIS A 204 -16.83 7.33 -4.44
C HIS A 204 -16.84 7.00 -5.93
N HIS A 205 -15.74 7.24 -6.64
CA HIS A 205 -15.62 6.82 -8.02
C HIS A 205 -15.17 5.37 -8.08
N VAL A 206 -15.88 4.57 -8.88
CA VAL A 206 -15.67 3.13 -8.95
C VAL A 206 -15.12 2.79 -10.33
N VAL A 207 -13.96 2.13 -10.36
CA VAL A 207 -13.35 1.64 -11.59
C VAL A 207 -13.52 0.13 -11.63
N SER A 208 -14.06 -0.39 -12.72
CA SER A 208 -14.37 -1.80 -12.87
C SER A 208 -13.66 -2.37 -14.09
N LEU A 209 -12.90 -3.44 -13.88
CA LEU A 209 -12.25 -4.17 -14.96
C LEU A 209 -13.06 -5.43 -15.26
N GLN A 210 -13.33 -5.67 -16.55
CA GLN A 210 -14.17 -6.78 -16.96
C GLN A 210 -13.45 -7.58 -18.05
N PRO A 211 -13.42 -8.91 -17.95
CA PRO A 211 -12.71 -9.71 -18.94
C PRO A 211 -13.43 -9.74 -20.28
N VAL A 212 -12.65 -9.95 -21.34
CA VAL A 212 -13.19 -10.03 -22.70
C VAL A 212 -13.21 -11.49 -23.13
N ASN A 213 -12.03 -12.13 -23.14
CA ASN A 213 -11.92 -13.54 -23.49
C ASN A 213 -11.40 -14.35 -22.31
N ASP A 214 -10.13 -14.20 -21.94
CA ASP A 214 -9.59 -14.90 -20.79
C ASP A 214 -10.23 -14.39 -19.51
N LYS A 215 -10.55 -15.32 -18.60
CA LYS A 215 -11.18 -14.99 -17.34
C LYS A 215 -10.31 -15.32 -16.13
N ASP A 216 -9.02 -15.59 -16.34
CA ASP A 216 -8.09 -15.85 -15.26
C ASP A 216 -7.02 -14.76 -15.25
N PHE A 217 -6.75 -14.20 -14.07
CA PHE A 217 -5.83 -13.09 -13.94
C PHE A 217 -4.95 -13.27 -12.72
N GLN A 218 -3.71 -12.80 -12.83
CA GLN A 218 -2.77 -12.79 -11.72
C GLN A 218 -2.92 -11.44 -11.01
N ILE A 219 -3.76 -11.43 -9.99
CA ILE A 219 -4.04 -10.21 -9.24
C ILE A 219 -3.06 -10.09 -8.07
N SER A 220 -2.51 -8.90 -7.86
CA SER A 220 -1.60 -8.63 -6.77
C SER A 220 -2.14 -7.51 -5.90
N VAL A 221 -2.00 -7.66 -4.59
CA VAL A 221 -2.41 -6.65 -3.61
C VAL A 221 -1.20 -6.44 -2.71
N ASP A 222 -0.50 -5.32 -2.91
CA ASP A 222 0.79 -5.00 -2.28
C ASP A 222 1.79 -6.11 -2.63
N HIS A 223 2.44 -6.73 -1.65
CA HIS A 223 3.47 -7.72 -1.96
C HIS A 223 2.87 -9.05 -2.41
N LEU A 224 1.64 -9.35 -2.00
CA LEU A 224 1.03 -10.63 -2.33
C LEU A 224 0.57 -10.65 -3.78
N SER A 225 0.57 -11.85 -4.37
CA SER A 225 0.09 -12.03 -5.74
C SER A 225 -0.42 -13.46 -5.89
N ILE A 226 -1.71 -13.61 -6.22
CA ILE A 226 -2.34 -14.92 -6.32
C ILE A 226 -3.16 -14.98 -7.61
N LEU A 227 -3.20 -16.17 -8.22
CA LEU A 227 -3.98 -16.38 -9.44
C LEU A 227 -5.45 -16.56 -9.09
N HIS A 228 -6.29 -15.76 -9.74
CA HIS A 228 -7.74 -15.84 -9.59
C HIS A 228 -8.35 -16.39 -10.88
N ARG A 229 -9.13 -17.45 -10.76
CA ARG A 229 -9.77 -18.09 -11.90
C ARG A 229 -11.25 -17.78 -11.90
N ASP A 230 -11.85 -17.83 -13.09
CA ASP A 230 -13.27 -17.55 -13.30
C ASP A 230 -13.64 -16.16 -12.78
N VAL A 231 -12.86 -15.17 -13.18
CA VAL A 231 -13.05 -13.80 -12.73
C VAL A 231 -14.14 -13.13 -13.56
N GLN A 232 -15.12 -12.53 -12.90
CA GLN A 232 -16.20 -11.82 -13.57
C GLN A 232 -16.01 -10.30 -13.54
N GLU A 233 -15.47 -9.76 -12.45
CA GLU A 233 -15.30 -8.32 -12.33
C GLU A 233 -14.23 -8.03 -11.27
N ILE A 234 -13.36 -7.08 -11.58
CA ILE A 234 -12.40 -6.55 -10.62
C ILE A 234 -12.76 -5.09 -10.38
N ARG A 235 -13.07 -4.75 -9.13
CA ARG A 235 -13.63 -3.46 -8.79
C ARG A 235 -12.65 -2.69 -7.89
N TYR A 236 -12.31 -1.48 -8.31
CA TYR A 236 -11.40 -0.60 -7.58
C TYR A 236 -12.15 0.63 -7.08
N GLU A 237 -11.87 1.01 -5.83
CA GLU A 237 -12.49 2.19 -5.24
C GLU A 237 -11.72 2.57 -3.98
N VAL A 238 -11.72 3.87 -3.67
CA VAL A 238 -11.07 4.35 -2.47
C VAL A 238 -11.82 3.84 -1.25
N SER A 239 -11.10 3.18 -0.34
CA SER A 239 -11.71 2.58 0.82
C SER A 239 -12.08 3.63 1.85
N ALA A 240 -13.10 3.32 2.66
CA ALA A 240 -13.47 4.17 3.78
C ALA A 240 -12.55 3.99 4.98
N LYS A 241 -11.71 2.96 4.97
CA LYS A 241 -10.73 2.74 6.03
C LYS A 241 -9.45 3.50 5.73
N LYS A 242 -8.81 4.00 6.78
CA LYS A 242 -7.57 4.75 6.66
C LYS A 242 -6.55 4.20 7.64
N ILE A 243 -5.31 4.07 7.18
CA ILE A 243 -4.21 3.63 8.04
C ILE A 243 -3.74 4.82 8.87
N HIS A 244 -3.57 4.60 10.18
CA HIS A 244 -3.19 5.65 11.10
C HIS A 244 -1.71 5.52 11.46
N PHE A 245 -0.98 6.62 11.34
CA PHE A 245 0.43 6.68 11.70
C PHE A 245 0.60 7.44 13.00
N ALA A 246 1.56 7.00 13.82
CA ALA A 246 1.93 7.72 15.03
C ALA A 246 3.01 8.74 14.70
N ARG A 247 2.69 10.02 14.88
CA ARG A 247 3.56 11.11 14.50
C ARG A 247 4.15 11.78 15.73
N PHE A 248 5.47 11.93 15.77
CA PHE A 248 6.17 12.57 16.88
C PHE A 248 6.91 13.82 16.47
N ARG A 249 7.01 14.11 15.17
CA ARG A 249 7.61 15.34 14.68
C ARG A 249 7.20 15.65 13.25
N SER A 250 7.94 16.53 12.60
CA SER A 250 7.64 16.96 11.23
C SER A 250 8.57 16.25 10.26
N PHE A 251 7.99 15.43 9.37
CA PHE A 251 8.73 14.81 8.27
C PHE A 251 7.83 14.88 7.04
N PRO A 252 7.86 16.01 6.32
CA PRO A 252 6.91 16.19 5.21
C PRO A 252 7.08 15.14 4.12
N PHE A 253 5.99 14.88 3.41
CA PHE A 253 6.01 13.90 2.33
C PHE A 253 6.98 14.32 1.24
N TRP A 254 6.98 15.60 0.87
CA TRP A 254 7.87 16.07 -0.19
C TRP A 254 9.32 16.02 0.26
N ARG A 255 9.59 16.38 1.52
CA ARG A 255 10.92 16.15 2.08
C ARG A 255 11.28 14.67 2.04
N ARG A 256 10.30 13.80 2.34
CA ARG A 256 10.55 12.36 2.29
C ARG A 256 10.78 11.89 0.86
N VAL A 257 10.08 12.50 -0.10
CA VAL A 257 10.34 12.19 -1.51
C VAL A 257 11.72 12.68 -1.91
N HIS A 258 12.12 13.86 -1.42
CA HIS A 258 13.42 14.42 -1.77
C HIS A 258 14.56 13.50 -1.33
N ASP A 259 14.48 12.98 -0.11
CA ASP A 259 15.58 12.16 0.42
C ASP A 259 15.67 10.80 -0.25
N SER A 260 14.60 10.35 -0.91
CA SER A 260 14.57 9.01 -1.50
C SER A 260 14.97 8.98 -2.97
N PHE A 261 14.69 10.03 -3.73
CA PHE A 261 14.97 10.04 -5.16
C PHE A 261 15.94 11.12 -5.61
N ILE A 262 16.02 12.24 -4.89
CA ILE A 262 16.92 13.32 -5.28
C ILE A 262 18.27 13.11 -4.62
N GLU A 263 18.37 13.41 -3.32
CA GLU A 263 19.62 13.24 -2.60
C GLU A 263 19.31 13.18 -1.10
N ASP A 264 20.24 12.59 -0.35
CA ASP A 264 20.10 12.47 1.09
C ASP A 264 21.47 12.45 1.75
C1 CIT B . 3.03 16.68 5.27
O1 CIT B . 3.47 16.14 4.24
O2 CIT B . 3.26 17.90 5.45
C2 CIT B . 2.22 15.90 6.28
C3 CIT B . 3.03 14.74 6.85
O7 CIT B . 4.38 15.18 7.14
C4 CIT B . 2.40 14.21 8.13
C5 CIT B . 2.84 15.06 9.31
O3 CIT B . 2.00 15.63 10.04
O4 CIT B . 4.05 15.17 9.58
C6 CIT B . 3.07 13.60 5.84
O5 CIT B . 2.40 13.65 4.79
O6 CIT B . 3.79 12.60 6.06
C2 K3B C . 8.56 -0.08 -8.13
C4 K3B C . 7.62 -2.12 -7.53
C5 K3B C . 7.87 -2.64 -8.80
C6 K3B C . 8.49 -1.86 -9.76
N9 K3B C . 7.03 -3.09 -6.84
C1' K3B C . 6.56 -3.02 -5.44
C2' K3B C . 5.08 -2.71 -5.20
C3' K3B C . 4.89 -3.18 -3.73
C4' K3B C . 6.23 -3.86 -3.40
C5' K3B C . 6.20 -5.01 -2.41
C8 K3B C . 6.91 -4.17 -7.62
CAP K3B C . 7.66 -4.09 -0.61
CAQ K3B C . 7.80 -2.67 -0.91
CAR K3B C . 7.90 -1.48 -1.15
CAS K3B C . 7.99 -0.09 -1.42
CAU K3B C . 8.74 1.83 -2.06
CAW K3B C . 8.92 4.10 -2.52
CAY K3B C . 6.90 3.26 -1.50
CAZ K3B C . 7.47 2.00 -1.54
N1 K3B C . 8.83 -0.55 -9.42
N3 K3B C . 7.97 -0.86 -7.24
N6 K3B C . 8.74 -2.34 -10.97
N7 K3B C . 7.43 -3.90 -8.81
NAT K3B C . 9.03 0.54 -1.96
NAV K3B C . 9.43 2.88 -2.53
NAX K3B C . 7.64 4.34 -2.01
NBA K3B C . 7.03 0.80 -1.15
NBB K3B C . 5.68 3.45 -1.01
O2' K3B C . 4.80 -1.35 -5.41
O3' K3B C . 4.70 -2.05 -2.89
O4' K3B C . 6.85 -4.14 -4.66
O5' K3B C . 7.38 -5.11 -1.63
#